data_1GHF
#
_entry.id   1GHF
#
_cell.length_a   150.400
_cell.length_b   150.400
_cell.length_c   43.000
_cell.angle_alpha   90.00
_cell.angle_beta   90.00
_cell.angle_gamma   90.00
#
_symmetry.space_group_name_H-M   'P 4 21 2'
#
loop_
_entity.id
_entity.type
_entity.pdbx_description
1 polymer 'ANTI-ANTI-IDIOTYPE GH1002 FAB FRAGMENT'
2 polymer 'ANTI-ANTI-IDIOTYPE GH1002 FAB FRAGMENT'
#
loop_
_entity_poly.entity_id
_entity_poly.type
_entity_poly.pdbx_seq_one_letter_code
_entity_poly.pdbx_strand_id
1 'polypeptide(L)'
;DIQMTQTTSSLSASLGDRVTISCRESQDISNSLNWYQQKPDGTVKLLIYYTSRLHSGVPSRFSGSGTGTDYSLTISNLEQ
EDFATYFCQQGNTLPYTFGGGTKLEIKRADAAQTVSIFPPSSEQLTSGGASVVCFLNNFYPKDINVKWKIDGSERQNGVL
NSWTDQDSKDSTYSMSSTLTLTKDEYERHNSYTCEATHKTSTSPIVKSFNR
;
L
2 'polypeptide(L)'
;VQLQQSGPELKKPGETVKISCKLWYTFTDYGMNWVKQAPGKGLKWMGWIQTNTEEPTYGAEFKGRFAFSLETSAFTAYKQ
INNLKNEDMATYFCARVEAGFDYWAQGTTLTVSSAKTTPPSVYPLAPGSAAQTNSMVTLGCLVKGYFPEPVTVTWNSGSL
SSGVHTFPAVLQSDLYTLSSSVTVPSSPRPSETVTCNVAHPASSTKVDKKII
;
H
#
# COMPACT_ATOMS: atom_id res chain seq x y z
N ASP A 1 -27.41 10.72 -1.70
CA ASP A 1 -26.65 9.73 -2.55
C ASP A 1 -27.12 8.34 -2.11
N ILE A 2 -26.33 7.32 -2.44
CA ILE A 2 -26.64 5.94 -2.06
C ILE A 2 -25.29 5.31 -1.60
N GLN A 3 -25.15 4.94 -0.33
CA GLN A 3 -23.88 4.38 0.11
C GLN A 3 -23.92 2.93 0.20
N MET A 4 -22.74 2.35 0.02
CA MET A 4 -22.56 0.93 0.07
C MET A 4 -21.69 0.71 1.29
N THR A 5 -22.14 -0.12 2.24
CA THR A 5 -21.36 -0.35 3.41
C THR A 5 -21.06 -1.82 3.55
N GLN A 6 -19.79 -2.16 3.70
CA GLN A 6 -19.42 -3.54 3.88
C GLN A 6 -19.21 -3.71 5.37
N THR A 7 -19.90 -4.70 5.93
CA THR A 7 -19.91 -4.99 7.38
C THR A 7 -18.59 -4.89 8.11
N THR A 8 -17.59 -5.52 7.52
CA THR A 8 -16.25 -5.60 8.08
C THR A 8 -15.27 -5.13 7.03
N SER A 9 -14.25 -4.39 7.44
CA SER A 9 -13.25 -3.95 6.49
C SER A 9 -12.28 -5.12 6.25
N SER A 10 -11.93 -5.84 7.30
CA SER A 10 -10.99 -6.95 7.14
C SER A 10 -11.58 -8.24 7.66
N LEU A 11 -11.11 -9.35 7.10
CA LEU A 11 -11.56 -10.70 7.44
C LEU A 11 -10.43 -11.77 7.38
N SER A 12 -10.40 -12.66 8.38
CA SER A 12 -9.35 -13.69 8.38
C SER A 12 -9.82 -15.16 8.41
N ALA A 13 -9.55 -15.90 7.33
CA ALA A 13 -9.94 -17.31 7.24
C ALA A 13 -8.77 -18.12 6.75
N SER A 14 -8.94 -19.43 6.68
CA SER A 14 -7.86 -20.30 6.26
C SER A 14 -8.11 -20.88 4.88
N LEU A 15 -7.08 -21.48 4.29
CA LEU A 15 -7.20 -22.08 2.97
C LEU A 15 -8.20 -23.20 3.04
N GLY A 16 -8.81 -23.50 1.91
CA GLY A 16 -9.81 -24.53 1.85
C GLY A 16 -11.12 -24.10 2.49
N ASP A 17 -11.06 -23.09 3.36
CA ASP A 17 -12.23 -22.55 4.05
C ASP A 17 -13.30 -21.94 3.16
N ARG A 18 -14.38 -21.52 3.78
CA ARG A 18 -15.50 -20.91 3.08
C ARG A 18 -15.86 -19.67 3.88
N VAL A 19 -16.05 -18.55 3.17
CA VAL A 19 -16.35 -17.28 3.82
C VAL A 19 -17.36 -16.47 3.06
N THR A 20 -18.13 -15.64 3.77
CA THR A 20 -19.13 -14.79 3.14
C THR A 20 -18.91 -13.30 3.50
N ILE A 21 -18.94 -12.44 2.48
CA ILE A 21 -18.75 -10.97 2.59
C ILE A 21 -20.08 -10.27 2.35
N SER A 22 -20.40 -9.29 3.19
CA SER A 22 -21.67 -8.59 3.08
C SER A 22 -21.52 -7.19 2.51
N CYS A 23 -22.63 -6.59 2.10
CA CYS A 23 -22.61 -5.25 1.56
C CYS A 23 -24.04 -4.82 1.60
N ARG A 24 -24.37 -3.79 2.36
CA ARG A 24 -25.75 -3.32 2.39
C ARG A 24 -25.72 -1.93 1.85
N GLU A 25 -26.76 -1.60 1.08
CA GLU A 25 -26.91 -0.32 0.42
C GLU A 25 -27.86 0.55 1.25
N SER A 26 -27.82 1.86 1.06
CA SER A 26 -28.66 2.78 1.84
C SER A 26 -30.13 2.74 1.51
N GLN A 27 -30.48 2.14 0.38
CA GLN A 27 -31.87 2.04 -0.08
C GLN A 27 -31.98 1.07 -1.23
N ASP A 28 -33.18 0.50 -1.42
CA ASP A 28 -33.45 -0.49 -2.45
C ASP A 28 -32.79 -0.19 -3.75
N ILE A 29 -31.86 -1.06 -4.11
CA ILE A 29 -31.06 -0.99 -5.34
C ILE A 29 -31.51 -2.09 -6.34
N SER A 30 -32.76 -2.53 -6.21
CA SER A 30 -33.27 -3.55 -7.09
C SER A 30 -32.16 -4.62 -7.12
N ASN A 31 -31.69 -5.10 -8.25
CA ASN A 31 -30.62 -6.07 -8.09
C ASN A 31 -29.34 -5.65 -8.79
N SER A 32 -29.15 -4.34 -8.96
CA SER A 32 -27.97 -3.79 -9.62
C SER A 32 -26.77 -3.74 -8.70
N LEU A 33 -26.31 -4.89 -8.24
CA LEU A 33 -25.14 -4.97 -7.35
C LEU A 33 -24.05 -5.83 -8.01
N ASN A 34 -22.85 -5.30 -8.15
CA ASN A 34 -21.74 -6.04 -8.74
C ASN A 34 -20.61 -6.18 -7.75
N TRP A 35 -19.76 -7.19 -7.94
CA TRP A 35 -18.61 -7.47 -7.05
C TRP A 35 -17.34 -7.50 -7.85
N TYR A 36 -16.27 -6.93 -7.31
CA TYR A 36 -14.99 -6.94 -8.03
C TYR A 36 -13.90 -7.36 -7.10
N GLN A 37 -12.78 -7.71 -7.71
CA GLN A 37 -11.59 -8.09 -6.98
C GLN A 37 -10.37 -7.28 -7.34
N GLN A 38 -9.72 -6.78 -6.30
CA GLN A 38 -8.49 -6.02 -6.42
C GLN A 38 -7.42 -6.92 -5.87
N LYS A 39 -6.28 -6.96 -6.53
CA LYS A 39 -5.18 -7.78 -6.07
C LYS A 39 -4.05 -6.84 -5.69
N PRO A 40 -3.16 -7.29 -4.81
CA PRO A 40 -2.02 -6.52 -4.33
C PRO A 40 -1.18 -5.74 -5.34
N ASP A 41 -1.38 -6.01 -6.63
CA ASP A 41 -0.65 -5.27 -7.64
C ASP A 41 -1.54 -4.19 -8.26
N GLY A 42 -2.65 -3.88 -7.59
CA GLY A 42 -3.55 -2.87 -8.08
C GLY A 42 -4.61 -3.27 -9.10
N THR A 43 -4.39 -4.32 -9.88
CA THR A 43 -5.38 -4.73 -10.89
C THR A 43 -6.75 -5.05 -10.30
N VAL A 44 -7.82 -4.70 -11.00
CA VAL A 44 -9.17 -5.00 -10.55
C VAL A 44 -9.81 -5.94 -11.58
N LYS A 45 -10.92 -6.56 -11.21
CA LYS A 45 -11.58 -7.47 -12.12
C LYS A 45 -13.07 -7.71 -11.75
N LEU A 46 -14.00 -7.66 -12.72
CA LEU A 46 -15.43 -7.89 -12.41
C LEU A 46 -15.59 -9.32 -11.99
N LEU A 47 -16.28 -9.60 -10.91
CA LEU A 47 -16.51 -10.98 -10.50
C LEU A 47 -17.94 -11.44 -10.78
N ILE A 48 -18.90 -10.73 -10.21
CA ILE A 48 -20.32 -11.02 -10.37
C ILE A 48 -21.01 -9.70 -10.65
N TYR A 49 -21.97 -9.68 -11.56
CA TYR A 49 -22.74 -8.47 -11.83
C TYR A 49 -24.23 -8.77 -11.64
N TYR A 50 -25.08 -7.77 -11.71
CA TYR A 50 -26.53 -7.97 -11.51
C TYR A 50 -26.86 -8.98 -10.42
N THR A 51 -26.22 -8.78 -9.27
CA THR A 51 -26.36 -9.57 -8.03
C THR A 51 -25.70 -10.93 -7.96
N SER A 52 -25.85 -11.70 -9.05
CA SER A 52 -25.41 -13.07 -9.08
C SER A 52 -24.94 -13.68 -10.39
N ARG A 53 -24.74 -12.89 -11.45
CA ARG A 53 -24.28 -13.47 -12.68
C ARG A 53 -22.77 -13.61 -12.59
N LEU A 54 -22.25 -14.80 -12.86
CA LEU A 54 -20.82 -15.01 -12.82
C LEU A 54 -20.30 -14.47 -14.15
N HIS A 55 -19.26 -13.66 -14.09
CA HIS A 55 -18.67 -13.05 -15.26
C HIS A 55 -17.86 -14.12 -15.99
N SER A 56 -17.61 -13.92 -17.27
CA SER A 56 -16.83 -14.90 -17.99
C SER A 56 -15.44 -14.96 -17.37
N GLY A 57 -14.96 -16.16 -17.07
CA GLY A 57 -13.64 -16.34 -16.49
C GLY A 57 -13.57 -16.53 -14.97
N VAL A 58 -14.68 -16.27 -14.28
CA VAL A 58 -14.76 -16.41 -12.83
C VAL A 58 -15.14 -17.85 -12.50
N PRO A 59 -14.50 -18.46 -11.49
CA PRO A 59 -14.81 -19.85 -11.11
C PRO A 59 -16.14 -19.92 -10.42
N SER A 60 -16.71 -21.11 -10.38
CA SER A 60 -17.99 -21.34 -9.75
C SER A 60 -17.86 -21.25 -8.24
N ARG A 61 -16.65 -21.02 -7.76
CA ARG A 61 -16.39 -20.90 -6.31
C ARG A 61 -16.97 -19.58 -5.79
N PHE A 62 -17.29 -18.67 -6.72
CA PHE A 62 -17.86 -17.37 -6.39
C PHE A 62 -19.32 -17.46 -6.61
N SER A 63 -20.07 -16.78 -5.74
CA SER A 63 -21.51 -16.79 -5.82
C SER A 63 -22.06 -15.51 -5.23
N GLY A 64 -23.20 -15.05 -5.70
CA GLY A 64 -23.74 -13.85 -5.14
C GLY A 64 -25.18 -14.12 -4.81
N SER A 65 -25.79 -13.23 -4.04
CA SER A 65 -27.17 -13.35 -3.65
C SER A 65 -27.60 -12.10 -2.88
N GLY A 66 -28.87 -11.78 -2.91
CA GLY A 66 -29.34 -10.65 -2.15
C GLY A 66 -30.56 -10.06 -2.80
N THR A 67 -31.13 -9.10 -2.10
CA THR A 67 -32.29 -8.35 -2.58
C THR A 67 -32.47 -7.12 -1.71
N GLY A 68 -33.20 -6.15 -2.23
CA GLY A 68 -33.43 -4.95 -1.46
C GLY A 68 -32.17 -4.16 -1.22
N THR A 69 -31.62 -4.27 0.00
CA THR A 69 -30.43 -3.53 0.37
C THR A 69 -29.31 -4.41 0.88
N ASP A 70 -29.56 -5.70 1.05
CA ASP A 70 -28.49 -6.59 1.56
C ASP A 70 -28.11 -7.62 0.52
N TYR A 71 -26.81 -7.80 0.32
CA TYR A 71 -26.26 -8.76 -0.64
C TYR A 71 -25.08 -9.48 -0.02
N SER A 72 -24.69 -10.59 -0.62
CA SER A 72 -23.60 -11.38 -0.09
C SER A 72 -22.82 -12.04 -1.19
N LEU A 73 -21.52 -12.08 -1.05
CA LEU A 73 -20.67 -12.77 -2.00
C LEU A 73 -20.16 -13.90 -1.13
N THR A 74 -20.18 -15.10 -1.64
CA THR A 74 -19.75 -16.26 -0.89
C THR A 74 -18.70 -16.96 -1.73
N ILE A 75 -17.50 -17.14 -1.17
CA ILE A 75 -16.43 -17.82 -1.87
C ILE A 75 -16.30 -19.18 -1.15
N SER A 76 -16.59 -20.28 -1.84
CA SER A 76 -16.58 -21.63 -1.28
C SER A 76 -15.39 -22.58 -1.10
N ASN A 77 -14.34 -22.48 -1.91
CA ASN A 77 -13.24 -23.40 -1.68
C ASN A 77 -12.01 -22.53 -1.69
N LEU A 78 -11.87 -21.72 -0.65
CA LEU A 78 -10.75 -20.77 -0.50
C LEU A 78 -9.39 -21.19 -1.03
N GLU A 79 -8.93 -20.56 -2.10
CA GLU A 79 -7.63 -20.89 -2.67
C GLU A 79 -6.62 -19.75 -2.45
N GLN A 80 -5.35 -19.97 -2.80
CA GLN A 80 -4.31 -18.97 -2.60
C GLN A 80 -4.48 -17.68 -3.41
N GLU A 81 -5.11 -17.73 -4.58
CA GLU A 81 -5.29 -16.50 -5.34
C GLU A 81 -6.35 -15.61 -4.67
N ASP A 82 -7.34 -16.25 -4.07
CA ASP A 82 -8.44 -15.55 -3.43
C ASP A 82 -8.10 -14.74 -2.18
N PHE A 83 -6.83 -14.46 -1.92
CA PHE A 83 -6.56 -13.68 -0.73
C PHE A 83 -6.14 -12.28 -1.16
N ALA A 84 -7.16 -11.51 -1.56
CA ALA A 84 -7.06 -10.12 -2.04
C ALA A 84 -8.17 -9.26 -1.41
N THR A 85 -8.47 -8.11 -2.00
CA THR A 85 -9.54 -7.26 -1.42
C THR A 85 -10.73 -7.15 -2.38
N TYR A 86 -11.95 -7.30 -1.85
CA TYR A 86 -13.17 -7.29 -2.65
C TYR A 86 -14.07 -6.07 -2.52
N PHE A 87 -14.74 -5.67 -3.61
CA PHE A 87 -15.57 -4.48 -3.57
C PHE A 87 -16.98 -4.67 -4.14
N CYS A 88 -17.95 -3.89 -3.66
CA CYS A 88 -19.33 -3.95 -4.17
C CYS A 88 -19.69 -2.59 -4.77
N GLN A 89 -20.62 -2.57 -5.71
CA GLN A 89 -20.98 -1.34 -6.40
C GLN A 89 -22.43 -1.45 -6.83
N GLN A 90 -23.10 -0.33 -6.99
CA GLN A 90 -24.49 -0.33 -7.43
C GLN A 90 -24.59 0.24 -8.85
N GLY A 91 -25.44 -0.35 -9.68
CA GLY A 91 -25.62 0.11 -11.04
C GLY A 91 -27.01 0.69 -11.21
N ASN A 92 -27.61 1.02 -10.08
CA ASN A 92 -28.94 1.57 -10.07
C ASN A 92 -29.07 3.05 -10.36
N THR A 93 -28.03 3.83 -10.10
CA THR A 93 -28.07 5.25 -10.39
C THR A 93 -26.77 5.95 -10.27
N LEU A 94 -26.65 7.01 -11.07
CA LEU A 94 -25.48 7.85 -11.07
C LEU A 94 -25.68 8.74 -9.87
N PRO A 95 -24.59 8.98 -9.12
CA PRO A 95 -23.22 8.45 -9.35
C PRO A 95 -23.07 6.99 -8.97
N TYR A 96 -22.24 6.23 -9.69
CA TYR A 96 -22.05 4.83 -9.29
C TYR A 96 -21.24 4.88 -8.01
N THR A 97 -21.60 4.05 -7.03
CA THR A 97 -20.87 4.06 -5.74
C THR A 97 -20.38 2.68 -5.31
N PHE A 98 -19.19 2.58 -4.70
CA PHE A 98 -18.67 1.28 -4.24
C PHE A 98 -18.57 1.30 -2.71
N GLY A 99 -18.27 0.15 -2.12
CA GLY A 99 -18.11 0.11 -0.68
C GLY A 99 -16.64 0.19 -0.32
N GLY A 100 -16.35 0.45 0.95
CA GLY A 100 -14.97 0.55 1.43
C GLY A 100 -14.02 -0.60 1.13
N GLY A 101 -14.59 -1.75 0.81
CA GLY A 101 -13.83 -2.93 0.49
C GLY A 101 -13.77 -3.77 1.73
N THR A 102 -13.21 -4.96 1.57
CA THR A 102 -13.01 -5.97 2.61
C THR A 102 -11.89 -6.89 2.15
N LYS A 103 -10.84 -6.98 2.96
CA LYS A 103 -9.64 -7.76 2.62
C LYS A 103 -9.52 -9.09 3.35
N LEU A 104 -9.16 -10.13 2.59
CA LEU A 104 -8.95 -11.50 3.09
C LEU A 104 -7.47 -11.73 3.36
N GLU A 105 -7.12 -11.90 4.63
CA GLU A 105 -5.75 -12.21 4.95
C GLU A 105 -5.87 -13.58 5.57
N ILE A 106 -4.84 -14.39 5.37
CA ILE A 106 -4.89 -15.76 5.86
C ILE A 106 -4.75 -15.85 7.35
N LYS A 107 -5.64 -16.66 7.94
CA LYS A 107 -5.69 -16.87 9.40
C LYS A 107 -4.56 -17.77 9.89
N ARG A 108 -4.06 -17.49 11.10
CA ARG A 108 -3.01 -18.33 11.69
C ARG A 108 -2.83 -18.12 13.18
N ALA A 109 -1.84 -18.77 13.74
CA ALA A 109 -1.58 -18.69 15.15
C ALA A 109 -1.03 -17.33 15.52
N ASP A 110 -0.86 -17.14 16.82
CA ASP A 110 -0.33 -15.90 17.37
C ASP A 110 1.21 -15.97 17.45
N ALA A 111 1.86 -14.81 17.37
CA ALA A 111 3.33 -14.73 17.41
C ALA A 111 3.68 -13.38 17.90
N ALA A 112 4.34 -13.29 19.05
CA ALA A 112 4.76 -11.99 19.55
C ALA A 112 6.01 -11.72 18.70
N GLN A 113 6.51 -10.50 18.67
CA GLN A 113 7.65 -10.28 17.81
C GLN A 113 9.00 -10.42 18.41
N THR A 114 9.96 -10.11 17.55
CA THR A 114 11.36 -10.12 17.88
C THR A 114 11.63 -8.62 17.76
N VAL A 115 11.90 -7.98 18.89
CA VAL A 115 12.13 -6.55 18.95
C VAL A 115 13.61 -6.17 18.96
N SER A 116 13.98 -5.11 18.22
CA SER A 116 15.39 -4.69 18.16
C SER A 116 15.55 -3.17 18.06
N ILE A 117 16.42 -2.61 18.90
CA ILE A 117 16.67 -1.15 18.92
C ILE A 117 18.04 -0.77 18.31
N PHE A 118 18.03 0.10 17.31
CA PHE A 118 19.27 0.47 16.67
C PHE A 118 19.56 1.93 16.88
N PRO A 119 20.68 2.25 17.59
CA PRO A 119 21.21 3.57 17.96
C PRO A 119 21.67 4.28 16.69
N PRO A 120 21.52 5.62 16.63
CA PRO A 120 21.93 6.32 15.42
C PRO A 120 23.38 6.17 14.95
N SER A 121 23.46 5.84 13.65
CA SER A 121 24.67 5.63 12.88
C SER A 121 25.58 6.85 12.98
N SER A 122 26.89 6.62 13.06
CA SER A 122 27.85 7.70 13.17
C SER A 122 27.80 8.62 11.92
N GLU A 123 27.95 8.03 10.74
CA GLU A 123 27.90 8.79 9.50
C GLU A 123 26.75 9.79 9.46
N GLN A 124 25.63 9.46 10.10
CA GLN A 124 24.47 10.35 10.12
C GLN A 124 24.71 11.43 11.12
N LEU A 125 25.13 10.98 12.29
CA LEU A 125 25.44 11.87 13.40
C LEU A 125 26.23 13.05 12.87
N THR A 126 27.38 12.72 12.26
CA THR A 126 28.34 13.67 11.68
C THR A 126 27.81 14.33 10.40
N SER A 127 26.52 14.66 10.44
CA SER A 127 25.86 15.27 9.32
C SER A 127 24.88 16.35 9.78
N GLY A 128 23.89 15.98 10.58
CA GLY A 128 22.93 16.96 11.04
C GLY A 128 21.93 16.42 12.04
N GLY A 129 21.43 15.21 11.75
CA GLY A 129 20.43 14.56 12.61
C GLY A 129 20.77 13.16 13.11
N ALA A 130 19.79 12.55 13.82
CA ALA A 130 19.91 11.21 14.37
C ALA A 130 18.57 10.44 14.53
N SER A 131 18.41 9.37 13.73
CA SER A 131 17.21 8.51 13.73
C SER A 131 17.44 7.25 14.54
N VAL A 132 16.49 6.97 15.43
CA VAL A 132 16.51 5.78 16.27
C VAL A 132 15.54 4.88 15.54
N VAL A 133 15.92 3.63 15.38
CA VAL A 133 15.08 2.71 14.65
C VAL A 133 14.70 1.51 15.45
N CYS A 134 13.40 1.30 15.53
CA CYS A 134 12.89 0.18 16.26
C CYS A 134 12.20 -0.76 15.27
N PHE A 135 12.75 -1.97 15.12
CA PHE A 135 12.18 -3.00 14.24
C PHE A 135 11.37 -3.97 15.13
N LEU A 136 10.13 -4.34 14.75
CA LEU A 136 9.28 -5.32 15.49
C LEU A 136 8.84 -6.24 14.37
N ASN A 137 9.30 -7.47 14.38
CA ASN A 137 9.02 -8.35 13.27
C ASN A 137 8.36 -9.66 13.50
N ASN A 138 7.76 -10.18 12.42
CA ASN A 138 7.14 -11.47 12.42
C ASN A 138 6.23 -11.77 13.55
N PHE A 139 5.13 -11.04 13.59
CA PHE A 139 4.09 -11.22 14.60
C PHE A 139 2.73 -11.32 13.95
N TYR A 140 1.78 -11.83 14.71
CA TYR A 140 0.42 -12.00 14.28
C TYR A 140 -0.46 -11.93 15.52
N PRO A 141 -1.63 -11.28 15.41
CA PRO A 141 -2.22 -10.60 14.24
C PRO A 141 -1.63 -9.25 14.13
N LYS A 142 -1.91 -8.59 13.00
CA LYS A 142 -1.35 -7.28 12.63
C LYS A 142 -1.34 -6.18 13.66
N ASP A 143 -2.28 -6.25 14.59
CA ASP A 143 -2.41 -5.22 15.60
C ASP A 143 -1.40 -5.18 16.71
N ILE A 144 -0.69 -4.07 16.71
CA ILE A 144 0.37 -3.75 17.66
C ILE A 144 0.35 -2.20 17.63
N ASN A 145 0.97 -1.55 18.60
CA ASN A 145 1.04 -0.09 18.65
C ASN A 145 2.23 0.30 19.54
N VAL A 146 2.78 1.49 19.34
CA VAL A 146 3.95 1.88 20.12
C VAL A 146 4.10 3.36 20.47
N LYS A 147 4.61 3.59 21.66
CA LYS A 147 4.84 4.93 22.16
C LYS A 147 6.33 5.03 22.42
N TRP A 148 6.87 6.20 22.14
CA TRP A 148 8.27 6.50 22.33
C TRP A 148 8.28 7.33 23.60
N LYS A 149 8.56 6.68 24.73
CA LYS A 149 8.54 7.32 26.05
C LYS A 149 9.88 7.82 26.64
N ILE A 150 10.88 8.14 25.80
CA ILE A 150 12.21 8.57 26.28
C ILE A 150 12.38 9.27 27.66
N ASP A 151 12.06 8.49 28.70
CA ASP A 151 12.09 8.84 30.11
C ASP A 151 11.15 9.94 30.54
N GLY A 152 9.95 9.95 29.97
CA GLY A 152 8.98 10.98 30.33
C GLY A 152 8.78 11.97 29.20
N SER A 153 8.97 11.46 28.00
CA SER A 153 8.80 12.22 26.79
C SER A 153 8.15 11.19 25.86
N GLU A 154 7.10 11.58 25.15
CA GLU A 154 6.45 10.65 24.22
C GLU A 154 6.64 11.32 22.83
N ARG A 155 7.67 10.94 22.10
CA ARG A 155 7.90 11.58 20.80
C ARG A 155 7.04 11.12 19.67
N GLN A 156 5.74 11.09 19.90
CA GLN A 156 4.79 10.66 18.87
C GLN A 156 4.92 11.61 17.65
N ASN A 157 5.32 12.85 17.94
CA ASN A 157 5.51 13.90 16.92
C ASN A 157 6.82 13.71 16.18
N GLY A 158 6.76 13.20 14.95
CA GLY A 158 8.00 12.99 14.20
C GLY A 158 8.47 11.54 14.32
N VAL A 159 7.51 10.65 14.15
CA VAL A 159 7.73 9.22 14.21
C VAL A 159 7.16 8.73 12.92
N LEU A 160 7.73 7.63 12.41
CA LEU A 160 7.25 7.00 11.20
C LEU A 160 7.22 5.49 11.45
N ASN A 161 6.01 5.01 11.67
CA ASN A 161 5.81 3.58 11.84
C ASN A 161 5.63 3.20 10.39
N SER A 162 5.81 1.91 10.10
CA SER A 162 5.64 1.46 8.74
C SER A 162 5.26 0.00 8.78
N TRP A 163 4.31 -0.35 7.93
CA TRP A 163 3.84 -1.71 7.91
C TRP A 163 4.15 -2.54 6.68
N THR A 164 4.43 -3.80 6.95
CA THR A 164 4.69 -4.76 5.91
C THR A 164 3.38 -5.47 5.72
N ASP A 165 3.32 -6.31 4.72
CA ASP A 165 2.16 -7.11 4.40
C ASP A 165 2.43 -8.55 4.77
N GLN A 166 1.35 -9.30 5.00
CA GLN A 166 1.45 -10.70 5.40
C GLN A 166 2.48 -11.47 4.65
N ASP A 167 3.67 -11.60 5.24
CA ASP A 167 4.79 -12.30 4.62
C ASP A 167 4.35 -13.61 3.97
N SER A 168 4.67 -13.71 2.67
CA SER A 168 4.36 -14.83 1.81
C SER A 168 4.66 -16.18 2.45
N LYS A 169 5.93 -16.34 2.83
CA LYS A 169 6.41 -17.56 3.43
C LYS A 169 5.68 -17.94 4.72
N ASP A 170 5.76 -17.12 5.77
CA ASP A 170 5.08 -17.46 7.04
C ASP A 170 3.90 -16.69 7.56
N SER A 171 3.28 -15.88 6.72
CA SER A 171 2.08 -15.12 7.07
C SER A 171 2.01 -14.17 8.24
N THR A 172 3.09 -13.46 8.55
CA THR A 172 3.07 -12.51 9.66
C THR A 172 3.30 -11.12 9.11
N TYR A 173 3.48 -10.18 10.03
CA TYR A 173 3.74 -8.81 9.64
C TYR A 173 5.04 -8.39 10.26
N SER A 174 5.43 -7.17 9.98
CA SER A 174 6.64 -6.62 10.55
C SER A 174 6.41 -5.11 10.52
N MET A 175 6.97 -4.42 11.47
CA MET A 175 6.80 -2.98 11.58
C MET A 175 8.11 -2.32 11.95
N SER A 176 8.35 -1.17 11.32
CA SER A 176 9.52 -0.37 11.60
C SER A 176 8.87 0.84 12.23
N SER A 177 9.61 1.49 13.09
CA SER A 177 9.14 2.66 13.78
C SER A 177 10.44 3.46 13.91
N THR A 178 10.55 4.53 13.14
CA THR A 178 11.75 5.37 13.18
C THR A 178 11.47 6.65 13.90
N LEU A 179 12.39 7.00 14.79
CA LEU A 179 12.26 8.20 15.56
C LEU A 179 13.44 9.09 15.16
N THR A 180 13.33 9.80 14.05
CA THR A 180 14.42 10.66 13.61
C THR A 180 14.29 12.12 14.11
N LEU A 181 15.41 12.72 14.55
CA LEU A 181 15.43 14.12 15.04
C LEU A 181 16.71 14.94 14.68
N THR A 182 17.38 15.55 15.67
CA THR A 182 18.60 16.34 15.43
C THR A 182 19.70 15.91 16.37
N LYS A 183 20.95 16.19 16.01
CA LYS A 183 22.08 15.82 16.86
C LYS A 183 21.87 16.56 18.16
N ASP A 184 21.54 17.84 18.03
CA ASP A 184 21.31 18.73 19.18
C ASP A 184 20.28 18.12 20.14
N GLU A 185 19.05 17.96 19.66
CA GLU A 185 18.00 17.42 20.51
C GLU A 185 18.27 15.97 21.01
N TYR A 186 19.19 15.25 20.36
CA TYR A 186 19.58 13.89 20.77
C TYR A 186 20.68 14.04 21.79
N GLU A 187 21.55 15.00 21.50
CA GLU A 187 22.70 15.25 22.35
C GLU A 187 22.36 16.15 23.52
N ARG A 188 21.44 15.66 24.34
CA ARG A 188 21.00 16.33 25.54
C ARG A 188 20.03 15.41 26.26
N HIS A 189 19.41 14.46 25.55
CA HIS A 189 18.48 13.52 26.19
C HIS A 189 19.15 12.27 26.72
N ASN A 190 20.05 11.72 25.93
CA ASN A 190 20.75 10.47 26.25
C ASN A 190 20.01 9.44 27.21
N SER A 191 18.79 9.02 26.79
CA SER A 191 17.87 8.05 27.49
C SER A 191 16.57 7.52 26.70
N TYR A 192 16.75 7.08 25.44
CA TYR A 192 15.67 6.64 24.52
C TYR A 192 14.98 5.25 24.60
N THR A 193 13.67 5.29 24.92
CA THR A 193 12.78 4.12 25.15
C THR A 193 11.81 3.73 24.00
N CYS A 194 11.76 2.42 23.69
CA CYS A 194 10.85 1.91 22.64
C CYS A 194 9.81 0.86 23.12
N GLU A 195 8.60 1.35 23.45
CA GLU A 195 7.45 0.58 23.97
C GLU A 195 6.62 -0.10 22.90
N ALA A 196 6.24 -1.36 23.15
CA ALA A 196 5.42 -2.17 22.19
C ALA A 196 4.31 -3.11 22.73
N THR A 197 3.06 -2.63 22.55
CA THR A 197 1.79 -3.27 22.96
C THR A 197 1.29 -4.31 21.95
N HIS A 198 1.31 -5.58 22.34
CA HIS A 198 0.84 -6.68 21.48
C HIS A 198 0.07 -7.77 22.27
N LYS A 199 -0.99 -8.31 21.67
CA LYS A 199 -1.82 -9.37 22.26
C LYS A 199 -1.09 -10.30 23.23
N THR A 200 -0.20 -11.14 22.68
CA THR A 200 0.62 -12.11 23.43
C THR A 200 1.02 -11.78 24.87
N SER A 201 1.04 -10.48 25.17
CA SER A 201 1.39 -9.94 26.47
C SER A 201 0.37 -8.89 26.93
N THR A 202 0.48 -8.57 28.21
CA THR A 202 -0.29 -7.54 28.90
C THR A 202 0.83 -6.59 29.38
N SER A 203 2.01 -7.20 29.55
CA SER A 203 3.25 -6.54 29.92
C SER A 203 3.72 -5.87 28.61
N PRO A 204 3.67 -4.53 28.56
CA PRO A 204 4.08 -3.76 27.38
C PRO A 204 5.58 -3.95 27.09
N ILE A 205 5.91 -4.76 26.08
CA ILE A 205 7.32 -5.03 25.77
C ILE A 205 8.06 -3.76 25.38
N VAL A 206 9.13 -3.53 26.12
CA VAL A 206 9.97 -2.35 26.00
C VAL A 206 11.39 -2.74 25.66
N LYS A 207 12.00 -2.05 24.71
CA LYS A 207 13.40 -2.34 24.38
C LYS A 207 14.30 -1.09 24.34
N SER A 208 15.51 -1.22 24.88
CA SER A 208 16.43 -0.07 24.86
C SER A 208 17.93 -0.28 25.06
N PHE A 209 18.58 0.88 24.96
CA PHE A 209 20.00 1.11 25.11
C PHE A 209 19.92 2.56 25.65
N ASN A 210 20.84 2.96 26.52
CA ASN A 210 20.79 4.33 27.05
C ASN A 210 22.13 5.05 27.12
N ARG A 211 22.43 5.79 26.05
CA ARG A 211 23.63 6.62 25.91
C ARG A 211 23.36 7.79 24.92
N VAL B 1 -9.18 -8.48 -25.84
CA VAL B 1 -9.83 -7.33 -25.15
C VAL B 1 -9.00 -6.85 -23.97
N GLN B 2 -8.61 -5.57 -23.98
CA GLN B 2 -7.90 -4.98 -22.85
C GLN B 2 -7.69 -3.52 -23.05
N LEU B 3 -7.60 -2.82 -21.92
CA LEU B 3 -7.40 -1.39 -21.85
C LEU B 3 -6.01 -1.15 -21.30
N GLN B 4 -5.23 -0.32 -21.96
CA GLN B 4 -3.88 -0.05 -21.51
C GLN B 4 -3.76 1.42 -21.16
N GLN B 5 -3.49 1.67 -19.88
CA GLN B 5 -3.33 3.02 -19.34
C GLN B 5 -1.93 3.53 -19.65
N SER B 6 -1.65 4.77 -19.25
CA SER B 6 -0.35 5.39 -19.48
C SER B 6 0.47 5.45 -18.15
N GLY B 7 1.00 6.62 -17.77
CA GLY B 7 1.75 6.74 -16.52
C GLY B 7 2.80 5.68 -16.19
N PRO B 8 3.45 5.75 -15.01
CA PRO B 8 3.34 6.68 -13.87
C PRO B 8 3.66 8.16 -14.20
N GLU B 9 3.19 9.10 -13.40
CA GLU B 9 3.46 10.51 -13.69
C GLU B 9 3.90 11.37 -12.51
N LEU B 10 4.92 12.19 -12.73
CA LEU B 10 5.44 13.09 -11.72
C LEU B 10 5.02 14.49 -12.09
N LYS B 11 4.29 15.15 -11.22
CA LYS B 11 3.84 16.49 -11.53
C LYS B 11 3.94 17.39 -10.33
N LYS B 12 4.18 18.66 -10.61
CA LYS B 12 4.27 19.67 -9.59
C LYS B 12 2.89 20.38 -9.55
N PRO B 13 2.47 20.88 -8.38
CA PRO B 13 1.18 21.54 -8.29
C PRO B 13 1.07 22.66 -9.31
N GLY B 14 0.01 22.63 -10.13
CA GLY B 14 -0.19 23.68 -11.12
C GLY B 14 -0.23 23.18 -12.55
N GLU B 15 0.69 22.26 -12.87
CA GLU B 15 0.74 21.69 -14.20
C GLU B 15 -0.54 20.90 -14.35
N THR B 16 -0.70 20.33 -15.52
CA THR B 16 -1.86 19.52 -15.84
C THR B 16 -1.29 18.25 -16.46
N VAL B 17 -2.02 17.16 -16.34
CA VAL B 17 -1.59 15.89 -16.90
C VAL B 17 -2.73 15.41 -17.77
N LYS B 18 -2.42 14.63 -18.80
CA LYS B 18 -3.41 14.05 -19.68
C LYS B 18 -3.08 12.55 -19.68
N ILE B 19 -3.92 11.76 -19.00
CA ILE B 19 -3.75 10.28 -18.91
C ILE B 19 -4.55 9.59 -20.00
N SER B 20 -3.92 8.63 -20.70
CA SER B 20 -4.59 7.86 -21.75
C SER B 20 -4.99 6.45 -21.37
N CYS B 21 -5.84 5.88 -22.23
CA CYS B 21 -6.40 4.55 -22.12
C CYS B 21 -6.82 4.15 -23.56
N LYS B 22 -6.14 3.15 -24.15
CA LYS B 22 -6.39 2.63 -25.53
C LYS B 22 -7.02 1.18 -25.53
N LEU B 23 -7.84 0.78 -26.54
CA LEU B 23 -8.49 -0.56 -26.55
C LEU B 23 -8.54 -1.53 -27.75
N TRP B 24 -9.15 -2.72 -27.51
CA TRP B 24 -9.27 -3.84 -28.47
C TRP B 24 -10.63 -4.60 -28.62
N TYR B 25 -11.65 -3.93 -29.21
CA TYR B 25 -13.05 -4.42 -29.48
C TYR B 25 -13.72 -3.22 -30.21
N THR B 26 -15.01 -3.26 -30.58
CA THR B 26 -15.61 -2.08 -31.29
C THR B 26 -15.78 -0.88 -30.39
N PHE B 27 -14.72 -0.11 -30.31
CA PHE B 27 -14.65 1.05 -29.45
C PHE B 27 -15.88 1.89 -29.18
N THR B 28 -16.52 2.37 -30.22
CA THR B 28 -17.65 3.26 -30.02
C THR B 28 -18.95 2.68 -29.48
N ASP B 29 -18.98 1.39 -29.28
CA ASP B 29 -20.20 0.77 -28.77
C ASP B 29 -20.39 0.95 -27.27
N TYR B 30 -19.28 1.13 -26.56
CA TYR B 30 -19.30 1.23 -25.13
C TYR B 30 -18.59 2.45 -24.63
N GLY B 31 -19.22 3.12 -23.65
CA GLY B 31 -18.67 4.29 -23.03
C GLY B 31 -17.46 3.94 -22.17
N MET B 32 -16.89 4.95 -21.51
CA MET B 32 -15.71 4.74 -20.71
C MET B 32 -15.75 5.33 -19.32
N ASN B 33 -15.36 4.55 -18.32
CA ASN B 33 -15.36 5.01 -16.95
C ASN B 33 -14.02 5.40 -16.49
N TRP B 34 -14.04 6.31 -15.54
CA TRP B 34 -12.83 6.76 -14.91
C TRP B 34 -13.03 6.60 -13.41
N VAL B 35 -12.08 5.97 -12.76
CA VAL B 35 -12.20 5.77 -11.34
C VAL B 35 -10.96 6.29 -10.62
N LYS B 36 -11.15 7.05 -9.54
CA LYS B 36 -10.01 7.53 -8.72
C LYS B 36 -9.89 6.72 -7.44
N GLN B 37 -8.79 5.96 -7.29
CA GLN B 37 -8.53 5.20 -6.06
C GLN B 37 -7.38 5.86 -5.29
N ALA B 38 -7.68 6.49 -4.16
CA ALA B 38 -6.60 7.13 -3.41
C ALA B 38 -6.08 6.06 -2.45
N PRO B 39 -4.76 6.02 -2.20
CA PRO B 39 -3.93 5.14 -1.37
C PRO B 39 -4.59 4.30 -0.27
N GLY B 40 -4.93 4.91 0.87
CA GLY B 40 -5.59 4.16 1.95
C GLY B 40 -7.12 4.25 1.86
N LYS B 41 -7.56 4.46 0.62
CA LYS B 41 -8.95 4.64 0.29
C LYS B 41 -9.52 3.62 -0.69
N GLY B 42 -10.85 3.68 -0.82
CA GLY B 42 -11.58 2.82 -1.72
C GLY B 42 -11.61 3.47 -3.08
N LEU B 43 -12.47 2.93 -3.94
CA LEU B 43 -12.67 3.37 -5.33
C LEU B 43 -13.83 4.40 -5.46
N LYS B 44 -13.68 5.40 -6.34
CA LYS B 44 -14.74 6.39 -6.56
C LYS B 44 -14.96 6.72 -8.03
N TRP B 45 -16.20 6.64 -8.48
CA TRP B 45 -16.50 6.92 -9.87
C TRP B 45 -16.49 8.42 -10.19
N MET B 46 -15.44 8.79 -10.93
CA MET B 46 -15.20 10.15 -11.36
C MET B 46 -16.17 10.52 -12.44
N GLY B 47 -16.43 9.54 -13.32
CA GLY B 47 -17.36 9.74 -14.40
C GLY B 47 -17.16 8.87 -15.62
N TRP B 48 -17.99 9.17 -16.63
CA TRP B 48 -18.07 8.53 -17.97
C TRP B 48 -17.76 9.52 -19.04
N ILE B 49 -17.73 8.92 -20.23
CA ILE B 49 -17.53 9.56 -21.52
C ILE B 49 -18.20 8.58 -22.48
N GLN B 50 -19.20 9.07 -23.19
CA GLN B 50 -19.91 8.28 -24.17
C GLN B 50 -19.09 8.32 -25.43
N THR B 51 -18.73 7.15 -25.89
CA THR B 51 -17.88 6.96 -27.04
C THR B 51 -18.45 7.35 -28.40
N ASN B 52 -19.76 7.30 -28.57
CA ASN B 52 -20.32 7.61 -29.87
C ASN B 52 -20.68 9.06 -30.06
N THR B 53 -21.21 9.66 -29.00
CA THR B 53 -21.65 11.07 -29.05
C THR B 53 -20.70 12.04 -28.39
N GLU B 54 -19.64 11.49 -27.82
CA GLU B 54 -18.64 12.25 -27.10
C GLU B 54 -19.21 13.03 -25.91
N GLU B 55 -20.41 12.65 -25.45
CA GLU B 55 -21.05 13.32 -24.30
C GLU B 55 -20.62 12.67 -23.00
N PRO B 56 -19.84 13.39 -22.16
CA PRO B 56 -19.36 12.90 -20.88
C PRO B 56 -20.35 13.24 -19.79
N THR B 57 -20.17 12.62 -18.63
CA THR B 57 -21.02 12.85 -17.49
C THR B 57 -20.06 12.76 -16.29
N TYR B 58 -20.10 13.73 -15.37
CA TYR B 58 -19.18 13.79 -14.21
C TYR B 58 -19.71 13.55 -12.80
N GLY B 59 -19.00 12.82 -11.95
CA GLY B 59 -19.46 12.69 -10.59
C GLY B 59 -19.37 14.15 -10.10
N ALA B 60 -20.31 14.60 -9.29
CA ALA B 60 -20.27 15.99 -8.83
C ALA B 60 -19.04 16.55 -8.14
N GLU B 61 -18.08 15.73 -7.70
CA GLU B 61 -16.90 16.30 -7.06
C GLU B 61 -15.83 16.48 -8.12
N PHE B 62 -16.11 15.95 -9.31
CA PHE B 62 -15.16 16.01 -10.39
C PHE B 62 -15.61 16.89 -11.50
N LYS B 63 -16.04 18.10 -11.14
CA LYS B 63 -16.49 19.07 -12.12
C LYS B 63 -15.53 20.23 -11.99
N GLY B 64 -15.17 20.76 -13.15
CA GLY B 64 -14.26 21.89 -13.20
C GLY B 64 -12.87 21.58 -13.70
N ARG B 65 -12.02 21.16 -12.78
CA ARG B 65 -10.64 20.85 -13.10
C ARG B 65 -10.43 19.61 -13.90
N PHE B 66 -11.42 18.71 -13.85
CA PHE B 66 -11.36 17.48 -14.59
C PHE B 66 -12.16 17.61 -15.85
N ALA B 67 -11.64 17.05 -16.94
CA ALA B 67 -12.23 17.07 -18.28
C ALA B 67 -12.02 15.75 -19.02
N PHE B 68 -12.95 15.42 -19.93
CA PHE B 68 -12.84 14.17 -20.67
C PHE B 68 -12.64 14.31 -22.17
N SER B 69 -11.47 13.90 -22.61
CA SER B 69 -11.12 13.95 -24.01
C SER B 69 -11.35 12.53 -24.49
N LEU B 70 -11.13 12.31 -25.76
CA LEU B 70 -11.29 11.03 -26.38
C LEU B 70 -10.95 11.28 -27.85
N GLU B 71 -10.15 10.38 -28.40
CA GLU B 71 -9.67 10.43 -29.77
C GLU B 71 -10.07 9.10 -30.46
N THR B 72 -11.32 9.07 -30.94
CA THR B 72 -11.89 7.89 -31.58
C THR B 72 -10.97 7.11 -32.53
N SER B 73 -10.56 7.77 -33.61
CA SER B 73 -9.67 7.19 -34.66
C SER B 73 -8.47 6.33 -34.20
N ALA B 74 -8.03 6.55 -32.96
CA ALA B 74 -6.91 5.82 -32.41
C ALA B 74 -7.41 4.87 -31.35
N PHE B 75 -8.55 5.19 -30.74
CA PHE B 75 -9.21 4.38 -29.69
C PHE B 75 -8.69 4.66 -28.31
N THR B 76 -8.47 5.93 -28.02
CA THR B 76 -7.97 6.39 -26.72
C THR B 76 -8.93 7.34 -26.05
N ALA B 77 -9.14 7.15 -24.76
CA ALA B 77 -10.01 8.02 -24.00
C ALA B 77 -9.06 8.76 -23.08
N TYR B 78 -9.17 10.07 -23.00
CA TYR B 78 -8.27 10.82 -22.16
C TYR B 78 -8.92 11.31 -20.93
N LYS B 79 -8.10 11.85 -20.05
CA LYS B 79 -8.60 12.39 -18.83
C LYS B 79 -7.55 13.31 -18.28
N GLN B 80 -7.72 14.60 -18.52
CA GLN B 80 -6.75 15.53 -17.99
C GLN B 80 -7.22 16.28 -16.74
N ILE B 81 -6.26 16.71 -15.92
CA ILE B 81 -6.59 17.41 -14.69
C ILE B 81 -5.78 18.69 -14.69
N ASN B 82 -6.46 19.81 -14.52
CA ASN B 82 -5.75 21.08 -14.51
C ASN B 82 -5.59 21.50 -13.07
N ASN B 83 -4.63 22.37 -12.79
CA ASN B 83 -4.42 22.84 -11.42
C ASN B 83 -4.21 21.69 -10.50
N LEU B 84 -3.25 20.83 -10.82
CA LEU B 84 -2.95 19.66 -10.00
C LEU B 84 -2.69 20.03 -8.55
N LYS B 85 -3.41 19.37 -7.62
CA LYS B 85 -3.25 19.62 -6.18
C LYS B 85 -2.71 18.36 -5.49
N ASN B 86 -2.47 18.40 -4.18
CA ASN B 86 -1.96 17.21 -3.42
C ASN B 86 -3.03 16.16 -3.65
N GLU B 87 -4.25 16.50 -3.21
CA GLU B 87 -5.49 15.71 -3.31
C GLU B 87 -5.60 14.74 -4.50
N ASP B 88 -4.91 15.08 -5.58
CA ASP B 88 -4.96 14.32 -6.82
C ASP B 88 -4.07 13.08 -7.02
N MET B 89 -3.03 12.89 -6.20
CA MET B 89 -2.23 11.69 -6.39
C MET B 89 -3.02 10.46 -5.95
N ALA B 90 -3.08 9.49 -6.86
CA ALA B 90 -3.79 8.27 -6.66
C ALA B 90 -3.68 7.49 -7.95
N THR B 91 -4.11 6.23 -7.95
CA THR B 91 -4.11 5.43 -9.17
C THR B 91 -5.44 5.77 -9.83
N TYR B 92 -5.46 5.87 -11.15
CA TYR B 92 -6.70 6.17 -11.88
C TYR B 92 -6.96 4.99 -12.80
N PHE B 93 -8.16 4.44 -12.79
CA PHE B 93 -8.40 3.32 -13.70
C PHE B 93 -9.45 3.71 -14.70
N CYS B 94 -9.51 2.94 -15.78
CA CYS B 94 -10.51 3.13 -16.78
C CYS B 94 -11.09 1.73 -16.91
N ALA B 95 -12.41 1.63 -16.89
CA ALA B 95 -13.10 0.35 -17.06
C ALA B 95 -14.27 0.65 -18.00
N ARG B 96 -14.48 -0.16 -19.04
CA ARG B 96 -15.61 0.15 -19.89
C ARG B 96 -16.92 -0.04 -19.16
N VAL B 97 -17.93 0.74 -19.51
CA VAL B 97 -19.21 0.63 -18.84
C VAL B 97 -20.10 -0.37 -19.52
N GLU B 98 -20.56 -1.36 -18.74
CA GLU B 98 -21.40 -2.43 -19.26
C GLU B 98 -22.40 -2.84 -18.18
N ALA B 99 -22.63 -4.14 -18.12
CA ALA B 99 -23.47 -4.76 -17.12
C ALA B 99 -22.36 -4.86 -16.07
N GLY B 100 -22.06 -3.74 -15.44
CA GLY B 100 -20.98 -3.66 -14.46
C GLY B 100 -19.69 -3.17 -15.15
N PHE B 101 -18.69 -2.75 -14.37
CA PHE B 101 -17.42 -2.30 -14.95
C PHE B 101 -16.67 -3.49 -15.45
N ASP B 102 -16.95 -3.79 -16.72
CA ASP B 102 -16.42 -4.91 -17.51
C ASP B 102 -14.93 -5.21 -17.40
N TYR B 103 -14.14 -4.49 -18.18
CA TYR B 103 -12.71 -4.65 -18.21
C TYR B 103 -12.10 -3.38 -17.64
N TRP B 104 -11.08 -3.55 -16.82
CA TRP B 104 -10.39 -2.47 -16.20
C TRP B 104 -9.06 -2.40 -16.87
N ALA B 105 -8.29 -1.41 -16.46
CA ALA B 105 -6.97 -1.24 -16.98
C ALA B 105 -6.01 -1.56 -15.84
N GLN B 106 -4.77 -1.11 -15.96
CA GLN B 106 -3.83 -1.40 -14.92
C GLN B 106 -3.82 -0.29 -13.91
N GLY B 107 -4.34 0.85 -14.30
CA GLY B 107 -4.31 2.00 -13.44
C GLY B 107 -3.06 2.79 -13.81
N THR B 108 -3.04 4.06 -13.44
CA THR B 108 -1.92 4.98 -13.71
C THR B 108 -1.73 5.76 -12.41
N THR B 109 -0.55 5.64 -11.82
CA THR B 109 -0.29 6.29 -10.55
C THR B 109 0.35 7.67 -10.69
N LEU B 110 -0.44 8.72 -10.43
CA LEU B 110 -0.03 10.13 -10.50
C LEU B 110 0.48 10.66 -9.16
N THR B 111 1.68 11.22 -9.17
CA THR B 111 2.28 11.79 -7.98
C THR B 111 2.52 13.26 -8.23
N VAL B 112 2.09 14.09 -7.30
CA VAL B 112 2.28 15.53 -7.39
C VAL B 112 3.26 15.93 -6.29
N SER B 113 4.38 16.59 -6.63
CA SER B 113 5.34 16.95 -5.57
C SER B 113 6.21 18.22 -5.53
N SER B 114 6.62 18.76 -6.68
CA SER B 114 7.49 19.97 -6.69
C SER B 114 8.76 19.75 -5.83
N ALA B 115 9.22 18.51 -5.84
CA ALA B 115 10.40 18.09 -5.15
C ALA B 115 11.25 17.60 -6.31
N LYS B 116 12.57 17.70 -6.18
CA LYS B 116 13.48 17.25 -7.23
C LYS B 116 14.12 15.87 -6.99
N THR B 117 14.55 15.26 -8.08
CA THR B 117 15.21 13.97 -8.05
C THR B 117 16.38 14.03 -7.07
N THR B 118 16.20 13.43 -5.90
CA THR B 118 17.21 13.43 -4.84
C THR B 118 17.78 12.03 -4.60
N PRO B 119 19.11 11.90 -4.38
CA PRO B 119 19.75 10.61 -4.15
C PRO B 119 19.60 10.25 -2.68
N PRO B 120 19.65 8.95 -2.34
CA PRO B 120 19.50 8.56 -0.93
C PRO B 120 20.75 8.56 -0.02
N SER B 121 20.49 8.43 1.26
CA SER B 121 21.54 8.32 2.26
C SER B 121 21.29 6.97 2.94
N VAL B 122 22.15 6.03 2.64
CA VAL B 122 22.06 4.72 3.21
C VAL B 122 22.96 4.79 4.44
N TYR B 123 22.39 4.53 5.60
CA TYR B 123 23.16 4.51 6.85
C TYR B 123 22.93 3.08 7.29
N PRO B 124 23.93 2.43 7.90
CA PRO B 124 23.82 1.04 8.37
C PRO B 124 23.39 1.04 9.82
N LEU B 125 22.57 0.08 10.20
CA LEU B 125 22.13 0.06 11.58
C LEU B 125 22.65 -1.19 12.24
N ALA B 126 23.14 -1.06 13.47
CA ALA B 126 23.68 -2.21 14.16
C ALA B 126 23.51 -2.19 15.69
N PRO B 127 23.54 -3.37 16.33
CA PRO B 127 23.39 -3.43 17.79
C PRO B 127 24.58 -2.79 18.52
N GLY B 128 25.77 -2.93 17.94
CA GLY B 128 26.96 -2.37 18.54
C GLY B 128 27.41 -3.23 19.70
N SER B 129 27.43 -2.63 20.89
CA SER B 129 27.85 -3.34 22.10
C SER B 129 26.70 -4.11 22.76
N ALA B 130 25.49 -3.97 22.22
CA ALA B 130 24.32 -4.65 22.75
C ALA B 130 24.48 -6.16 22.65
N ALA B 131 24.65 -6.81 23.80
CA ALA B 131 24.81 -8.26 23.87
C ALA B 131 23.60 -8.96 23.27
N GLN B 132 23.85 -9.75 22.22
CA GLN B 132 22.80 -10.48 21.55
C GLN B 132 22.17 -11.53 22.46
N THR B 133 21.02 -11.21 23.02
CA THR B 133 20.32 -12.12 23.92
C THR B 133 19.47 -13.10 23.11
N ASN B 134 20.07 -13.71 22.09
CA ASN B 134 19.36 -14.66 21.24
C ASN B 134 20.31 -15.31 20.24
N SER B 135 19.88 -16.42 19.65
CA SER B 135 20.67 -17.16 18.67
C SER B 135 20.54 -16.52 17.27
N MET B 136 19.63 -15.57 17.19
CA MET B 136 19.38 -14.80 15.99
C MET B 136 20.04 -13.48 16.32
N VAL B 137 20.28 -12.69 15.28
CA VAL B 137 20.84 -11.36 15.43
C VAL B 137 20.24 -10.63 14.23
N THR B 138 20.00 -9.32 14.40
CA THR B 138 19.38 -8.53 13.36
C THR B 138 20.11 -7.25 12.95
N LEU B 139 20.10 -6.96 11.66
CA LEU B 139 20.74 -5.78 11.11
C LEU B 139 19.75 -5.01 10.22
N GLY B 140 20.06 -3.75 9.95
CA GLY B 140 19.20 -2.93 9.09
C GLY B 140 19.95 -1.89 8.27
N CYS B 141 19.30 -1.36 7.27
CA CYS B 141 19.88 -0.33 6.45
C CYS B 141 18.80 0.70 6.33
N LEU B 142 19.16 1.95 6.55
CA LEU B 142 18.20 3.00 6.52
C LEU B 142 18.36 3.85 5.31
N VAL B 143 17.34 3.87 4.48
CA VAL B 143 17.36 4.66 3.27
C VAL B 143 16.48 5.93 3.39
N LYS B 144 17.12 7.03 3.68
CA LYS B 144 16.37 8.24 3.86
C LYS B 144 16.79 9.43 3.00
N GLY B 145 15.81 10.26 2.66
CA GLY B 145 16.08 11.43 1.88
C GLY B 145 16.08 11.21 0.40
N TYR B 146 15.17 10.40 -0.12
CA TYR B 146 15.19 10.19 -1.56
C TYR B 146 13.92 10.58 -2.33
N PHE B 147 14.02 10.69 -3.64
CA PHE B 147 12.86 10.96 -4.48
C PHE B 147 13.24 10.80 -5.95
N PRO B 148 12.41 10.12 -6.76
CA PRO B 148 11.16 9.50 -6.40
C PRO B 148 11.36 8.04 -6.04
N GLU B 149 10.32 7.26 -6.22
CA GLU B 149 10.32 5.85 -5.95
C GLU B 149 10.55 5.03 -7.21
N PRO B 150 11.12 3.83 -7.04
CA PRO B 150 11.51 3.40 -5.71
C PRO B 150 13.02 3.10 -5.68
N VAL B 151 13.46 2.60 -4.55
CA VAL B 151 14.80 2.17 -4.37
C VAL B 151 14.64 0.67 -4.28
N THR B 152 15.62 -0.04 -4.78
CA THR B 152 15.62 -1.47 -4.73
C THR B 152 16.64 -1.70 -3.64
N VAL B 153 16.30 -2.54 -2.66
CA VAL B 153 17.26 -2.86 -1.58
C VAL B 153 17.51 -4.39 -1.47
N THR B 154 18.76 -4.81 -1.63
CA THR B 154 19.12 -6.24 -1.51
C THR B 154 20.17 -6.42 -0.44
N TRP B 155 20.47 -7.68 -0.12
CA TRP B 155 21.50 -7.99 0.85
C TRP B 155 22.47 -8.97 0.21
N ASN B 156 23.71 -8.55 0.02
CA ASN B 156 24.69 -9.39 -0.62
C ASN B 156 24.23 -9.82 -1.98
N SER B 157 23.77 -8.84 -2.78
CA SER B 157 23.34 -9.10 -4.16
C SER B 157 22.31 -10.23 -4.27
N GLY B 158 21.43 -10.34 -3.28
CA GLY B 158 20.40 -11.37 -3.27
C GLY B 158 20.75 -12.62 -2.46
N SER B 159 22.05 -12.91 -2.31
CA SER B 159 22.50 -14.08 -1.57
C SER B 159 21.85 -14.22 -0.22
N LEU B 160 21.50 -13.10 0.38
CA LEU B 160 20.80 -13.10 1.66
C LEU B 160 19.40 -12.73 1.28
N SER B 161 18.61 -13.76 1.04
CA SER B 161 17.24 -13.66 0.58
C SER B 161 16.17 -13.90 1.62
N SER B 162 16.53 -14.58 2.70
CA SER B 162 15.58 -14.93 3.75
C SER B 162 16.00 -14.31 5.06
N GLY B 163 15.03 -13.79 5.78
CA GLY B 163 15.33 -13.13 7.03
C GLY B 163 15.18 -11.65 6.76
N VAL B 164 15.12 -11.29 5.49
CA VAL B 164 14.99 -9.90 5.10
C VAL B 164 13.55 -9.36 5.16
N HIS B 165 13.42 -8.06 5.46
CA HIS B 165 12.13 -7.37 5.55
C HIS B 165 12.34 -5.99 5.02
N THR B 166 11.74 -5.65 3.91
CA THR B 166 11.95 -4.30 3.46
C THR B 166 10.69 -3.50 3.50
N PHE B 167 10.64 -2.62 4.50
CA PHE B 167 9.48 -1.77 4.74
C PHE B 167 9.12 -0.71 3.76
N PRO B 168 7.82 -0.49 3.63
CA PRO B 168 7.25 0.50 2.74
C PRO B 168 7.72 1.89 3.09
N ALA B 169 8.00 2.67 2.05
CA ALA B 169 8.50 4.05 2.17
C ALA B 169 7.54 5.02 2.82
N VAL B 170 8.07 5.85 3.69
CA VAL B 170 7.29 6.84 4.35
C VAL B 170 7.68 8.23 3.86
N LEU B 171 6.68 9.00 3.48
CA LEU B 171 6.86 10.35 2.98
C LEU B 171 6.88 11.34 4.10
N GLN B 172 8.07 11.71 4.52
CA GLN B 172 8.25 12.65 5.58
C GLN B 172 9.29 13.62 5.10
N SER B 173 9.14 14.86 5.51
CA SER B 173 10.05 15.93 5.09
C SER B 173 10.01 16.08 3.58
N ASP B 174 8.83 15.81 2.98
CA ASP B 174 8.60 15.90 1.54
C ASP B 174 9.47 14.94 0.65
N LEU B 175 10.30 14.12 1.29
CA LEU B 175 11.14 13.13 0.64
C LEU B 175 10.85 11.76 1.31
N TYR B 176 11.28 10.67 0.69
CA TYR B 176 10.99 9.35 1.25
C TYR B 176 12.00 8.78 2.22
N THR B 177 11.60 7.70 2.89
CA THR B 177 12.45 6.99 3.85
C THR B 177 11.95 5.54 4.00
N LEU B 178 12.83 4.55 3.85
CA LEU B 178 12.42 3.18 4.08
C LEU B 178 13.53 2.50 4.88
N SER B 179 13.31 1.27 5.27
CA SER B 179 14.30 0.58 6.05
C SER B 179 14.14 -0.88 5.71
N SER B 180 15.17 -1.68 5.99
CA SER B 180 15.21 -3.10 5.68
C SER B 180 15.96 -3.79 6.81
N SER B 181 15.62 -5.03 7.09
CA SER B 181 16.31 -5.71 8.15
C SER B 181 16.58 -7.08 7.63
N VAL B 182 17.68 -7.65 8.09
CA VAL B 182 18.07 -9.01 7.73
C VAL B 182 18.23 -9.64 9.15
N THR B 183 18.07 -10.95 9.27
CA THR B 183 18.24 -11.60 10.56
C THR B 183 19.07 -12.81 10.27
N VAL B 184 20.27 -12.85 10.81
CA VAL B 184 21.20 -13.96 10.60
C VAL B 184 21.62 -14.56 11.93
N PRO B 185 22.06 -15.82 11.90
CA PRO B 185 22.51 -16.50 13.13
C PRO B 185 23.70 -15.79 13.82
N SER B 186 23.77 -15.93 15.13
CA SER B 186 24.80 -15.31 15.99
C SER B 186 26.29 -15.40 15.56
N SER B 187 26.60 -16.33 14.65
CA SER B 187 27.98 -16.55 14.18
C SER B 187 28.51 -15.86 12.88
N PRO B 188 27.71 -15.83 11.80
CA PRO B 188 28.10 -15.22 10.54
C PRO B 188 27.84 -13.71 10.45
N ARG B 189 27.47 -13.11 11.58
CA ARG B 189 27.14 -11.70 11.66
C ARG B 189 28.28 -10.73 11.42
N PRO B 190 29.42 -10.90 12.17
CA PRO B 190 30.62 -10.05 12.05
C PRO B 190 31.83 -10.68 11.32
N SER B 191 32.07 -11.97 11.59
CA SER B 191 33.16 -12.76 10.99
C SER B 191 32.95 -12.78 9.47
N GLU B 192 31.75 -13.17 9.08
CA GLU B 192 31.34 -13.14 7.69
C GLU B 192 31.02 -11.64 7.59
N THR B 193 30.70 -11.16 6.42
CA THR B 193 30.41 -9.76 6.31
C THR B 193 29.04 -9.69 5.71
N VAL B 194 28.20 -8.83 6.29
CA VAL B 194 26.85 -8.63 5.81
C VAL B 194 26.81 -7.18 5.34
N THR B 195 26.33 -6.98 4.12
CA THR B 195 26.25 -5.66 3.54
C THR B 195 24.96 -5.49 2.78
N CYS B 196 24.45 -4.27 2.77
CA CYS B 196 23.19 -3.96 2.10
C CYS B 196 23.46 -3.09 0.86
N ASN B 197 22.81 -3.43 -0.25
CA ASN B 197 23.02 -2.68 -1.48
C ASN B 197 21.74 -1.93 -1.85
N VAL B 198 21.87 -0.62 -1.95
CA VAL B 198 20.77 0.21 -2.31
C VAL B 198 21.08 0.77 -3.66
N ALA B 199 20.05 0.96 -4.47
CA ALA B 199 20.18 1.56 -5.79
C ALA B 199 18.93 2.40 -6.01
N HIS B 200 19.11 3.59 -6.58
CA HIS B 200 18.03 4.50 -6.84
C HIS B 200 18.13 4.69 -8.33
N PRO B 201 17.13 4.19 -9.09
CA PRO B 201 17.23 4.36 -10.54
C PRO B 201 17.31 5.82 -10.98
N ALA B 202 16.28 6.60 -10.70
CA ALA B 202 16.26 8.01 -11.07
C ALA B 202 17.63 8.72 -11.15
N SER B 203 18.37 8.68 -10.03
CA SER B 203 19.69 9.34 -9.86
C SER B 203 20.98 8.53 -10.11
N SER B 204 20.86 7.35 -10.71
CA SER B 204 22.01 6.50 -11.01
C SER B 204 22.84 6.33 -9.78
N THR B 205 22.20 6.27 -8.62
CA THR B 205 22.93 6.12 -7.38
C THR B 205 22.85 4.69 -6.88
N LYS B 206 23.99 4.11 -6.57
CA LYS B 206 24.01 2.75 -6.06
C LYS B 206 25.11 2.78 -5.06
N VAL B 207 24.85 2.29 -3.88
CA VAL B 207 25.92 2.27 -2.91
C VAL B 207 25.81 1.07 -2.03
N ASP B 208 26.97 0.62 -1.56
CA ASP B 208 27.06 -0.53 -0.67
C ASP B 208 27.40 0.01 0.70
N LYS B 209 26.75 -0.53 1.72
CA LYS B 209 27.05 -0.11 3.08
C LYS B 209 27.32 -1.38 3.91
N LYS B 210 28.59 -1.62 4.28
CA LYS B 210 29.03 -2.79 5.06
C LYS B 210 28.63 -2.55 6.49
N ILE B 211 28.36 -3.62 7.26
CA ILE B 211 27.93 -3.46 8.65
C ILE B 211 28.94 -3.88 9.77
N ILE B 212 29.22 -2.93 10.67
CA ILE B 212 30.10 -3.01 11.86
C ILE B 212 30.93 -4.26 12.16
#